data_3O01
#
_entry.id   3O01
#
_cell.length_a   201.931
_cell.length_b   52.327
_cell.length_c   57.311
_cell.angle_alpha   90.00
_cell.angle_beta   90.34
_cell.angle_gamma   90.00
#
_symmetry.space_group_name_H-M   'C 1 2 1'
#
loop_
_entity.id
_entity.type
_entity.pdbx_description
1 polymer 'Cell invasion protein sipD'
2 non-polymer 'NICKEL (II) ION'
3 non-polymer '(3ALPHA,5BETA,12ALPHA)-3,12-DIHYDROXYCHOLAN-24-OIC ACID'
4 water water
#
_entity_poly.entity_id   1
_entity_poly.type   'polypeptide(L)'
_entity_poly.pdbx_seq_one_letter_code
;GHMEHRGTDIISLSQAATKIHQAQQTLQSTPPISEENNDERTLARQQLTSSLNALAKSGVSLSAEQNENLRSAFSAPTSA
LFSASPMAQPRTTISDAEIWDMVSQNISAIGDSYLGVYENVVAVYTDFYQAFSDILSKMGGWLLPGKDGNTVKLDVTSLK
NDLNSLVNKYNQINSNTVLFPAQSGSGVKVATEAEARQWLSELNLPNSSLKSYGSGYVVTVDLTPLQKMVQDIDGLGAPG
KDSKLEMDNAKYQAWQSGFKAQEENMKTTLQTLTQKYSNANSLYDNLVKVLSSTISSSLETAKSFLQG
;
_entity_poly.pdbx_strand_id   A,B
#
# COMPACT_ATOMS: atom_id res chain seq x y z
N GLY A 1 32.43 14.17 -19.37
CA GLY A 1 31.17 14.86 -18.94
C GLY A 1 30.32 15.14 -20.16
N HIS A 2 30.84 14.77 -21.33
CA HIS A 2 30.18 15.00 -22.61
C HIS A 2 29.35 13.81 -23.09
N MET A 3 29.50 12.67 -22.43
CA MET A 3 28.83 11.41 -22.82
C MET A 3 27.41 11.40 -22.24
N GLU A 4 26.39 11.49 -23.09
CA GLU A 4 24.99 11.44 -22.63
C GLU A 4 24.48 10.01 -22.46
N HIS A 5 23.48 9.85 -21.59
CA HIS A 5 22.93 8.56 -21.30
C HIS A 5 21.49 8.75 -20.96
N ARG A 6 20.73 9.23 -21.93
CA ARG A 6 19.30 9.49 -21.71
C ARG A 6 18.56 8.23 -21.30
N GLY A 7 18.89 7.09 -21.91
CA GLY A 7 18.21 5.82 -21.62
C GLY A 7 18.21 5.46 -20.14
N THR A 8 19.39 5.54 -19.51
CA THR A 8 19.53 5.20 -18.10
C THR A 8 18.83 6.21 -17.23
N ASP A 9 18.93 7.49 -17.59
CA ASP A 9 18.29 8.58 -16.83
C ASP A 9 16.79 8.38 -16.81
N ILE A 10 16.23 8.03 -17.98
CA ILE A 10 14.78 7.79 -18.07
C ILE A 10 14.34 6.58 -17.21
N ILE A 11 15.07 5.49 -17.28
CA ILE A 11 14.79 4.33 -16.45
C ILE A 11 14.87 4.67 -14.94
N SER A 12 15.96 5.32 -14.54
CA SER A 12 16.17 5.71 -13.12
C SER A 12 15.09 6.62 -12.56
N LEU A 13 14.78 7.66 -13.32
CA LEU A 13 13.81 8.65 -12.91
C LEU A 13 12.38 8.04 -12.87
N SER A 14 12.06 7.21 -13.86
CA SER A 14 10.79 6.45 -13.93
CA SER A 14 10.74 6.55 -13.84
C SER A 14 10.60 5.50 -12.72
N GLN A 15 11.66 4.78 -12.38
CA GLN A 15 11.65 3.90 -11.21
C GLN A 15 11.34 4.66 -9.93
N ALA A 16 12.01 5.79 -9.76
CA ALA A 16 11.77 6.67 -8.61
C ALA A 16 10.32 7.19 -8.58
N ALA A 17 9.88 7.75 -9.71
CA ALA A 17 8.52 8.26 -9.88
C ALA A 17 7.46 7.19 -9.46
N THR A 18 7.71 5.95 -9.84
CA THR A 18 6.84 4.84 -9.54
C THR A 18 6.83 4.50 -8.04
N LYS A 19 7.99 4.44 -7.42
CA LYS A 19 8.05 4.13 -5.99
C LYS A 19 7.40 5.24 -5.18
N ILE A 20 7.64 6.48 -5.59
CA ILE A 20 7.09 7.63 -4.86
C ILE A 20 5.56 7.62 -4.96
N HIS A 21 5.05 7.39 -6.17
CA HIS A 21 3.60 7.33 -6.43
C HIS A 21 2.95 6.20 -5.66
N GLN A 22 3.61 5.03 -5.62
CA GLN A 22 3.06 3.94 -4.82
C GLN A 22 2.98 4.24 -3.31
N ALA A 23 4.03 4.86 -2.76
CA ALA A 23 4.04 5.30 -1.36
C ALA A 23 2.95 6.34 -1.12
N GLN A 24 2.82 7.28 -2.05
CA GLN A 24 1.81 8.32 -1.95
C GLN A 24 0.39 7.72 -1.98
N GLN A 25 0.14 6.77 -2.88
CA GLN A 25 -1.19 6.08 -2.89
CA GLN A 25 -1.14 6.05 -2.88
C GLN A 25 -1.50 5.46 -1.52
N THR A 26 -0.53 4.79 -0.91
CA THR A 26 -0.70 4.23 0.43
C THR A 26 -1.04 5.31 1.45
N LEU A 27 -0.27 6.39 1.46
CA LEU A 27 -0.36 7.41 2.49
C LEU A 27 -1.67 8.22 2.36
N GLN A 28 -2.24 8.21 1.15
CA GLN A 28 -3.54 8.90 0.91
C GLN A 28 -4.76 8.01 1.13
N SER A 29 -4.60 6.69 1.03
CA SER A 29 -5.75 5.80 1.11
C SER A 29 -5.84 4.97 2.41
N THR A 30 -4.74 4.86 3.14
CA THR A 30 -4.74 4.04 4.35
C THR A 30 -5.00 4.85 5.62
N PRO A 31 -6.17 4.67 6.28
CA PRO A 31 -6.42 5.49 7.49
C PRO A 31 -5.53 4.97 8.68
N PRO A 32 -5.01 5.90 9.52
CA PRO A 32 -4.10 5.54 10.61
C PRO A 32 -4.85 5.08 11.86
N ILE A 33 -5.66 4.05 11.71
CA ILE A 33 -6.64 3.65 12.73
C ILE A 33 -6.33 2.33 13.47
N SER A 34 -5.21 1.69 13.13
CA SER A 34 -4.81 0.42 13.74
C SER A 34 -3.31 0.29 13.59
N GLU A 35 -2.73 -0.64 14.34
CA GLU A 35 -1.30 -0.81 14.33
C GLU A 35 -0.90 -1.34 12.94
N GLU A 36 -1.71 -2.26 12.41
CA GLU A 36 -1.48 -2.86 11.10
C GLU A 36 -1.46 -1.79 9.98
N ASN A 37 -2.46 -0.92 9.98
CA ASN A 37 -2.46 0.17 9.00
C ASN A 37 -1.24 1.07 9.14
N ASN A 38 -0.85 1.42 10.38
CA ASN A 38 0.31 2.32 10.56
C ASN A 38 1.67 1.68 10.17
N ASP A 39 1.79 0.39 10.42
CA ASP A 39 2.89 -0.41 9.86
C ASP A 39 3.01 -0.26 8.35
N GLU A 40 1.89 -0.37 7.65
CA GLU A 40 1.83 -0.21 6.20
C GLU A 40 2.26 1.19 5.79
N ARG A 41 1.71 2.19 6.48
CA ARG A 41 2.11 3.60 6.24
C ARG A 41 3.58 3.86 6.48
N THR A 42 4.12 3.36 7.59
CA THR A 42 5.56 3.47 7.88
C THR A 42 6.42 2.75 6.81
N LEU A 43 6.01 1.55 6.40
CA LEU A 43 6.71 0.86 5.31
C LEU A 43 6.71 1.71 4.01
N ALA A 44 5.55 2.30 3.67
CA ALA A 44 5.49 3.14 2.45
C ALA A 44 6.50 4.28 2.50
N ARG A 45 6.63 4.95 3.65
CA ARG A 45 7.67 5.96 3.80
C ARG A 45 9.09 5.44 3.68
N GLN A 46 9.34 4.23 4.19
CA GLN A 46 10.67 3.59 4.06
C GLN A 46 10.99 3.30 2.59
N GLN A 47 10.01 2.74 1.90
CA GLN A 47 10.09 2.58 0.43
C GLN A 47 10.35 3.87 -0.35
N LEU A 48 9.69 4.96 0.04
CA LEU A 48 9.93 6.26 -0.56
C LEU A 48 11.37 6.73 -0.32
N THR A 49 11.86 6.71 0.93
CA THR A 49 13.22 7.21 1.17
C THR A 49 14.29 6.30 0.51
N SER A 50 14.05 5.00 0.51
CA SER A 50 14.95 4.06 -0.21
C SER A 50 15.06 4.41 -1.69
N SER A 51 13.93 4.82 -2.29
CA SER A 51 13.90 5.19 -3.70
C SER A 51 14.68 6.47 -4.02
N LEU A 52 14.65 7.44 -3.10
CA LEU A 52 15.44 8.66 -3.21
C LEU A 52 16.94 8.40 -3.05
N ASN A 53 17.28 7.54 -2.10
CA ASN A 53 18.66 7.03 -1.96
C ASN A 53 19.18 6.34 -3.25
N ALA A 54 18.34 5.53 -3.89
CA ALA A 54 18.68 4.90 -5.18
C ALA A 54 18.81 5.91 -6.32
N LEU A 55 17.90 6.89 -6.36
CA LEU A 55 17.99 8.02 -7.28
C LEU A 55 19.25 8.87 -7.10
N ALA A 56 19.67 9.07 -5.86
CA ALA A 56 20.89 9.83 -5.55
C ALA A 56 22.18 9.20 -6.15
N LYS A 57 22.21 7.89 -6.24
CA LYS A 57 23.34 7.14 -6.73
C LYS A 57 23.26 6.85 -8.24
N SER A 58 22.17 7.30 -8.86
CA SER A 58 21.85 6.87 -10.22
C SER A 58 22.72 7.50 -11.31
N GLY A 59 22.93 8.81 -11.27
CA GLY A 59 23.68 9.48 -12.34
C GLY A 59 22.96 10.67 -12.93
N VAL A 60 21.68 10.82 -12.58
CA VAL A 60 20.84 11.86 -13.10
C VAL A 60 21.26 13.15 -12.46
N SER A 61 21.35 14.20 -13.25
CA SER A 61 21.78 15.48 -12.71
C SER A 61 20.64 16.46 -12.80
N LEU A 62 20.46 17.24 -11.74
CA LEU A 62 19.43 18.24 -11.65
C LEU A 62 19.96 19.58 -12.14
N SER A 63 19.05 20.45 -12.55
CA SER A 63 19.40 21.81 -12.95
C SER A 63 19.40 22.74 -11.73
N ALA A 64 19.93 23.95 -11.90
CA ALA A 64 19.93 24.97 -10.85
C ALA A 64 18.51 25.27 -10.33
N GLU A 65 17.56 25.30 -11.26
CA GLU A 65 16.15 25.49 -10.98
C GLU A 65 15.62 24.41 -10.01
N GLN A 66 15.98 23.17 -10.31
CA GLN A 66 15.55 22.01 -9.54
C GLN A 66 16.29 21.92 -8.20
N ASN A 67 17.62 22.11 -8.22
CA ASN A 67 18.40 22.18 -6.98
C ASN A 67 17.81 23.18 -6.00
N GLU A 68 17.43 24.35 -6.51
CA GLU A 68 16.88 25.42 -5.70
C GLU A 68 15.49 25.06 -5.14
N ASN A 69 14.60 24.59 -6.01
CA ASN A 69 13.30 24.05 -5.61
C ASN A 69 13.40 23.06 -4.43
N LEU A 70 14.39 22.18 -4.51
CA LEU A 70 14.63 21.17 -3.47
C LEU A 70 15.20 21.76 -2.18
N ARG A 71 16.14 22.71 -2.30
CA ARG A 71 16.69 23.38 -1.11
C ARG A 71 15.63 24.12 -0.31
N SER A 72 14.76 24.83 -1.00
CA SER A 72 13.72 25.63 -0.34
C SER A 72 12.59 24.79 0.23
N ALA A 73 12.26 23.68 -0.42
CA ALA A 73 11.23 22.83 0.13
C ALA A 73 11.70 22.00 1.36
N PHE A 74 12.98 21.58 1.42
CA PHE A 74 13.36 20.49 2.33
C PHE A 74 14.27 20.71 3.57
N ILE A 99 22.38 17.03 -2.75
CA ILE A 99 21.07 17.58 -2.41
C ILE A 99 20.11 16.44 -2.05
N TRP A 100 20.18 15.36 -2.82
CA TRP A 100 19.31 14.20 -2.62
C TRP A 100 19.49 13.61 -1.22
N ASP A 101 20.67 13.82 -0.63
CA ASP A 101 21.00 13.31 0.68
C ASP A 101 20.29 14.09 1.73
N MET A 102 20.27 15.40 1.56
CA MET A 102 19.59 16.29 2.48
C MET A 102 18.06 16.12 2.44
N VAL A 103 17.51 15.99 1.23
CA VAL A 103 16.06 15.72 1.03
C VAL A 103 15.62 14.44 1.74
N SER A 104 16.44 13.39 1.62
CA SER A 104 16.14 12.10 2.21
C SER A 104 16.17 12.17 3.74
N GLN A 105 17.17 12.85 4.30
CA GLN A 105 17.25 13.00 5.74
C GLN A 105 16.10 13.86 6.31
N ASN A 106 15.73 14.91 5.58
CA ASN A 106 14.65 15.84 6.01
CA ASN A 106 14.68 15.79 6.08
C ASN A 106 13.28 15.21 5.97
N ILE A 107 12.97 14.52 4.88
CA ILE A 107 11.67 13.88 4.74
C ILE A 107 11.48 12.69 5.71
N SER A 108 12.54 11.94 5.91
CA SER A 108 12.62 10.88 6.91
C SER A 108 12.30 11.40 8.32
N ALA A 109 12.93 12.51 8.70
CA ALA A 109 12.67 13.19 9.97
C ALA A 109 11.17 13.55 10.14
N ILE A 110 10.59 14.15 9.11
CA ILE A 110 9.18 14.53 9.14
C ILE A 110 8.28 13.29 9.25
N GLY A 111 8.58 12.24 8.51
CA GLY A 111 7.74 11.01 8.54
C GLY A 111 7.76 10.40 9.93
N ASP A 112 8.95 10.30 10.50
CA ASP A 112 9.17 9.59 11.76
C ASP A 112 8.71 10.37 13.02
N SER A 113 9.13 11.63 13.09
CA SER A 113 8.99 12.47 14.30
C SER A 113 7.76 13.35 14.31
N TYR A 114 7.06 13.45 13.16
CA TYR A 114 5.89 14.31 13.05
C TYR A 114 4.69 13.49 12.60
N LEU A 115 4.70 13.03 11.33
CA LEU A 115 3.55 12.26 10.80
C LEU A 115 3.39 10.97 11.58
N GLY A 116 4.50 10.31 11.91
CA GLY A 116 4.45 9.04 12.67
C GLY A 116 3.80 9.17 14.05
N VAL A 117 4.08 10.29 14.71
CA VAL A 117 3.40 10.57 16.01
C VAL A 117 1.90 10.77 15.84
N TYR A 118 1.52 11.61 14.89
CA TYR A 118 0.12 11.78 14.58
C TYR A 118 -0.61 10.46 14.21
N GLU A 119 0.05 9.58 13.51
CA GLU A 119 -0.57 8.29 13.20
C GLU A 119 -0.84 7.50 14.45
N ASN A 120 0.11 7.53 15.39
CA ASN A 120 -0.06 6.87 16.68
C ASN A 120 -1.19 7.51 17.48
N VAL A 121 -1.22 8.84 17.49
CA VAL A 121 -2.28 9.60 18.19
C VAL A 121 -3.67 9.09 17.75
N VAL A 122 -3.85 8.99 16.42
CA VAL A 122 -5.15 8.60 15.87
C VAL A 122 -5.48 7.13 16.14
N ALA A 123 -4.51 6.21 15.97
CA ALA A 123 -4.78 4.78 16.24
C ALA A 123 -5.15 4.52 17.70
N VAL A 124 -4.40 5.17 18.61
CA VAL A 124 -4.70 5.02 20.02
C VAL A 124 -6.09 5.62 20.40
N TYR A 125 -6.34 6.83 19.95
CA TYR A 125 -7.62 7.52 20.21
C TYR A 125 -8.81 6.82 19.59
N THR A 126 -8.59 6.22 18.43
CA THR A 126 -9.61 5.36 17.78
C THR A 126 -10.14 4.25 18.66
N ASP A 127 -9.22 3.50 19.24
CA ASP A 127 -9.58 2.36 20.05
C ASP A 127 -10.18 2.81 21.37
N PHE A 128 -9.61 3.84 21.96
CA PHE A 128 -10.21 4.44 23.16
C PHE A 128 -11.65 4.88 22.89
N TYR A 129 -11.82 5.61 21.78
CA TYR A 129 -13.16 6.18 21.50
C TYR A 129 -14.15 5.07 21.19
N GLN A 130 -13.67 4.00 20.54
CA GLN A 130 -14.54 2.84 20.32
C GLN A 130 -15.02 2.22 21.63
N ALA A 131 -14.14 2.12 22.63
CA ALA A 131 -14.53 1.63 23.95
C ALA A 131 -15.65 2.48 24.56
N PHE A 132 -15.53 3.79 24.44
CA PHE A 132 -16.55 4.75 24.90
C PHE A 132 -17.89 4.53 24.14
N SER A 133 -17.80 4.41 22.82
CA SER A 133 -19.00 4.09 21.98
C SER A 133 -19.75 2.83 22.43
N ASP A 134 -19.00 1.80 22.80
CA ASP A 134 -19.59 0.55 23.24
C ASP A 134 -20.34 0.74 24.56
N ILE A 135 -19.81 1.60 25.44
CA ILE A 135 -20.55 1.99 26.66
C ILE A 135 -21.84 2.70 26.29
N LEU A 136 -21.78 3.67 25.39
CA LEU A 136 -22.97 4.41 25.00
C LEU A 136 -24.06 3.51 24.40
N SER A 137 -23.64 2.44 23.72
CA SER A 137 -24.58 1.48 23.12
C SER A 137 -25.38 0.74 24.17
N LYS A 138 -24.94 0.74 25.43
CA LYS A 138 -25.66 -0.01 26.47
C LYS A 138 -26.70 0.84 27.16
N MET A 139 -26.71 2.14 26.88
CA MET A 139 -27.49 3.10 27.69
C MET A 139 -29.01 2.92 27.58
N GLY A 140 -29.49 2.51 26.42
CA GLY A 140 -30.90 2.13 26.27
C GLY A 140 -31.38 1.10 27.29
N GLY A 141 -30.58 0.07 27.55
CA GLY A 141 -30.92 -0.94 28.56
C GLY A 141 -30.84 -0.49 30.01
N TRP A 142 -30.26 0.68 30.22
CA TRP A 142 -30.11 1.26 31.57
C TRP A 142 -31.17 2.33 31.87
N LEU A 143 -32.03 2.64 30.91
CA LEU A 143 -33.18 3.52 31.12
C LEU A 143 -34.51 2.71 31.12
N LEU A 144 -35.17 2.67 32.28
CA LEU A 144 -36.39 1.91 32.45
C LEU A 144 -37.62 2.79 32.70
N PRO A 145 -38.81 2.25 32.43
CA PRO A 145 -40.03 3.00 32.77
C PRO A 145 -40.06 3.43 34.26
N GLY A 146 -40.64 4.59 34.58
CA GLY A 146 -40.84 4.99 35.98
C GLY A 146 -42.13 4.38 36.55
N LYS A 147 -42.76 5.05 37.53
CA LYS A 147 -44.04 4.58 38.05
CA LYS A 147 -44.06 4.64 38.09
C LYS A 147 -45.19 5.12 37.19
N ASP A 148 -44.98 6.27 36.56
CA ASP A 148 -45.97 6.84 35.65
C ASP A 148 -45.28 7.48 34.45
N GLY A 149 -46.04 8.16 33.60
CA GLY A 149 -45.52 8.70 32.34
C GLY A 149 -44.78 10.00 32.54
N ASN A 150 -44.57 10.37 33.80
CA ASN A 150 -43.87 11.60 34.13
C ASN A 150 -42.52 11.31 34.80
N THR A 151 -42.22 10.03 34.97
CA THR A 151 -41.03 9.60 35.68
C THR A 151 -40.26 8.51 34.88
N VAL A 152 -38.94 8.45 35.07
CA VAL A 152 -38.12 7.35 34.50
C VAL A 152 -37.22 6.72 35.58
N LYS A 153 -36.61 5.59 35.26
CA LYS A 153 -35.64 4.96 36.15
C LYS A 153 -34.31 4.79 35.43
N LEU A 154 -33.27 5.46 35.93
CA LEU A 154 -31.94 5.35 35.34
C LEU A 154 -31.05 4.42 36.15
N ASP A 155 -30.46 3.41 35.51
CA ASP A 155 -29.50 2.54 36.19
C ASP A 155 -28.16 3.29 36.36
N VAL A 156 -28.13 4.22 37.31
CA VAL A 156 -26.92 4.98 37.61
C VAL A 156 -25.72 4.11 37.99
N THR A 157 -25.94 3.00 38.70
CA THR A 157 -24.83 2.14 39.15
CA THR A 157 -24.81 2.18 39.15
C THR A 157 -24.08 1.43 38.02
N SER A 158 -24.81 0.74 37.14
CA SER A 158 -24.19 0.10 35.99
C SER A 158 -23.47 1.10 35.07
N LEU A 159 -24.08 2.27 34.85
CA LEU A 159 -23.50 3.31 34.00
C LEU A 159 -22.22 3.85 34.62
N LYS A 160 -22.30 4.19 35.90
CA LYS A 160 -21.11 4.67 36.65
C LYS A 160 -19.97 3.65 36.61
N ASN A 161 -20.31 2.39 36.86
CA ASN A 161 -19.33 1.30 36.89
C ASN A 161 -18.59 1.05 35.59
N ASP A 162 -19.34 1.05 34.49
CA ASP A 162 -18.72 0.93 33.17
C ASP A 162 -17.79 2.12 32.84
N LEU A 163 -18.24 3.34 33.16
CA LEU A 163 -17.45 4.55 32.90
C LEU A 163 -16.20 4.58 33.75
N ASN A 164 -16.32 4.23 35.03
CA ASN A 164 -15.13 4.11 35.89
C ASN A 164 -14.14 3.07 35.42
N SER A 165 -14.64 1.94 34.90
CA SER A 165 -13.81 0.92 34.32
C SER A 165 -13.05 1.43 33.09
N LEU A 166 -13.68 2.31 32.30
CA LEU A 166 -12.99 2.87 31.15
C LEU A 166 -11.89 3.82 31.60
N VAL A 167 -12.24 4.71 32.52
CA VAL A 167 -11.27 5.58 33.14
C VAL A 167 -10.07 4.78 33.67
N ASN A 168 -10.33 3.73 34.44
CA ASN A 168 -9.24 2.99 35.07
CA ASN A 168 -9.22 2.96 35.06
C ASN A 168 -8.33 2.31 34.04
N LYS A 169 -8.94 1.72 32.99
CA LYS A 169 -8.14 1.15 31.90
C LYS A 169 -7.24 2.19 31.19
N TYR A 170 -7.77 3.40 30.92
CA TYR A 170 -7.02 4.40 30.10
C TYR A 170 -6.21 5.39 30.97
N ASN A 171 -6.37 5.27 32.28
CA ASN A 171 -5.54 6.02 33.22
C ASN A 171 -4.14 5.42 33.42
N GLN A 172 -3.96 4.18 32.99
CA GLN A 172 -2.67 3.49 32.95
CA GLN A 172 -2.63 3.57 33.01
C GLN A 172 -1.76 3.97 31.80
N ILE A 173 -0.47 3.57 31.90
CA ILE A 173 0.57 3.96 30.95
C ILE A 173 1.07 2.70 30.30
N ASN A 174 0.63 2.50 29.06
CA ASN A 174 1.02 1.36 28.24
C ASN A 174 0.70 1.72 26.77
N SER A 175 0.85 0.77 25.87
CA SER A 175 0.56 1.05 24.46
CA SER A 175 0.55 0.99 24.44
C SER A 175 -0.92 1.35 24.09
N ASN A 176 -1.85 1.16 25.03
CA ASN A 176 -3.26 1.48 24.77
C ASN A 176 -3.61 2.92 25.07
N THR A 177 -2.73 3.57 25.82
CA THR A 177 -3.07 4.84 26.39
C THR A 177 -2.12 5.94 25.96
N VAL A 178 -0.91 5.59 25.50
CA VAL A 178 0.11 6.62 25.26
C VAL A 178 0.02 7.13 23.82
N LEU A 179 -0.20 8.44 23.69
CA LEU A 179 -0.23 9.13 22.40
C LEU A 179 1.17 9.53 21.93
N PHE A 180 2.02 10.00 22.86
CA PHE A 180 3.38 10.36 22.53
C PHE A 180 4.30 10.09 23.74
N PRO A 181 5.49 9.54 23.50
CA PRO A 181 5.99 8.94 22.24
C PRO A 181 5.19 7.74 21.79
N ALA A 182 5.25 7.45 20.48
CA ALA A 182 4.73 6.18 19.97
C ALA A 182 5.53 5.02 20.65
N GLN A 183 4.85 3.90 20.94
CA GLN A 183 5.41 2.81 21.76
C GLN A 183 5.68 1.55 20.93
N SER A 184 6.63 0.70 21.35
CA SER A 184 6.79 -0.63 20.76
C SER A 184 7.54 -1.51 21.75
N GLY A 185 7.31 -2.81 21.67
CA GLY A 185 7.99 -3.76 22.58
C GLY A 185 7.48 -3.63 23.98
N SER A 186 8.29 -4.01 24.96
CA SER A 186 7.82 -4.08 26.36
C SER A 186 8.27 -2.94 27.27
N GLY A 187 9.13 -2.07 26.79
CA GLY A 187 9.52 -0.92 27.60
C GLY A 187 8.57 0.23 27.29
N VAL A 188 8.62 1.27 28.11
CA VAL A 188 7.83 2.48 27.83
C VAL A 188 8.81 3.55 27.38
N LYS A 189 8.66 3.97 26.13
CA LYS A 189 9.46 5.05 25.58
C LYS A 189 8.90 6.33 26.14
N VAL A 190 9.77 7.16 26.70
CA VAL A 190 9.34 8.41 27.35
C VAL A 190 10.09 9.59 26.73
N ALA A 191 9.62 10.81 26.97
CA ALA A 191 10.30 12.00 26.45
C ALA A 191 10.70 12.93 27.60
N THR A 192 11.49 13.97 27.31
CA THR A 192 11.74 15.00 28.32
C THR A 192 10.44 15.77 28.52
N GLU A 193 10.28 16.41 29.68
CA GLU A 193 9.07 17.20 29.98
C GLU A 193 8.84 18.26 28.91
N ALA A 194 9.93 18.90 28.46
CA ALA A 194 9.86 19.94 27.44
C ALA A 194 9.28 19.37 26.14
N GLU A 195 9.78 18.21 25.72
CA GLU A 195 9.36 17.55 24.45
C GLU A 195 7.89 17.14 24.51
N ALA A 196 7.50 16.52 25.62
CA ALA A 196 6.10 16.12 25.86
C ALA A 196 5.14 17.28 25.93
N ARG A 197 5.53 18.36 26.60
CA ARG A 197 4.71 19.57 26.63
C ARG A 197 4.53 20.17 25.26
N GLN A 198 5.56 20.13 24.43
CA GLN A 198 5.41 20.65 23.06
C GLN A 198 4.29 19.89 22.35
N TRP A 199 4.32 18.56 22.47
CA TRP A 199 3.30 17.73 21.83
C TRP A 199 1.91 17.93 22.47
N LEU A 200 1.87 18.12 23.79
CA LEU A 200 0.61 18.46 24.48
C LEU A 200 -0.02 19.70 23.90
N SER A 201 0.77 20.77 23.79
CA SER A 201 0.30 21.97 23.13
C SER A 201 -0.07 21.73 21.68
N GLU A 202 0.80 21.08 20.93
CA GLU A 202 0.49 20.76 19.50
C GLU A 202 -0.86 20.04 19.35
N LEU A 203 -1.15 19.11 20.26
CA LEU A 203 -2.40 18.31 20.17
C LEU A 203 -3.62 19.02 20.79
N ASN A 204 -3.39 20.17 21.43
CA ASN A 204 -4.48 20.92 22.11
C ASN A 204 -5.16 20.12 23.23
N LEU A 205 -4.34 19.35 23.98
CA LEU A 205 -4.87 18.48 25.00
C LEU A 205 -4.71 19.19 26.36
N PRO A 206 -5.58 18.87 27.34
CA PRO A 206 -5.45 19.52 28.66
C PRO A 206 -4.21 19.08 29.41
N ASN A 207 -3.83 19.84 30.43
CA ASN A 207 -2.64 19.50 31.22
C ASN A 207 -2.69 18.13 31.86
N SER A 208 -3.89 17.62 32.13
CA SER A 208 -4.01 16.33 32.81
C SER A 208 -3.52 15.15 31.92
N SER A 209 -3.38 15.41 30.62
CA SER A 209 -2.89 14.44 29.63
C SER A 209 -1.36 14.32 29.65
N LEU A 210 -0.69 15.22 30.37
CA LEU A 210 0.75 15.14 30.53
C LEU A 210 1.09 14.33 31.77
N LYS A 211 1.70 13.15 31.60
CA LYS A 211 2.00 12.29 32.73
C LYS A 211 3.49 12.01 32.89
N SER A 212 3.99 12.07 34.12
CA SER A 212 5.35 11.59 34.39
CA SER A 212 5.32 11.58 34.45
C SER A 212 5.34 10.05 34.38
N TYR A 213 6.36 9.46 33.77
CA TYR A 213 6.56 8.01 33.88
C TYR A 213 8.08 7.72 33.99
N GLY A 214 8.51 7.03 35.04
CA GLY A 214 9.95 6.72 35.19
C GLY A 214 10.82 7.95 34.99
N SER A 215 11.80 7.85 34.09
CA SER A 215 12.77 8.94 33.74
C SER A 215 12.26 10.10 32.84
N GLY A 216 11.00 10.04 32.43
CA GLY A 216 10.46 11.09 31.58
C GLY A 216 8.96 11.28 31.63
N TYR A 217 8.42 11.71 30.49
CA TYR A 217 7.05 12.13 30.39
C TYR A 217 6.40 11.51 29.14
N VAL A 218 5.08 11.33 29.23
CA VAL A 218 4.26 10.86 28.10
C VAL A 218 3.01 11.72 28.02
N VAL A 219 2.33 11.65 26.85
CA VAL A 219 1.05 12.33 26.66
C VAL A 219 0.03 11.22 26.47
N THR A 220 -1.06 11.31 27.21
CA THR A 220 -2.10 10.25 27.24
C THR A 220 -3.46 10.79 26.82
N VAL A 221 -4.44 9.90 26.60
CA VAL A 221 -5.80 10.30 26.24
C VAL A 221 -6.48 11.14 27.35
N ASP A 222 -7.38 12.04 26.95
CA ASP A 222 -8.06 12.94 27.90
C ASP A 222 -9.29 12.22 28.50
N LEU A 223 -9.19 11.91 29.79
CA LEU A 223 -10.25 11.22 30.54
C LEU A 223 -11.23 12.19 31.24
N THR A 224 -10.92 13.48 31.18
CA THR A 224 -11.68 14.43 32.02
C THR A 224 -13.20 14.47 31.73
N PRO A 225 -13.62 14.36 30.44
CA PRO A 225 -15.09 14.24 30.23
C PRO A 225 -15.77 13.05 30.89
N LEU A 226 -15.11 11.89 30.88
CA LEU A 226 -15.62 10.68 31.51
C LEU A 226 -15.70 10.86 33.05
N GLN A 227 -14.63 11.44 33.62
CA GLN A 227 -14.58 11.71 35.05
C GLN A 227 -15.70 12.67 35.47
N LYS A 228 -15.94 13.71 34.65
CA LYS A 228 -17.01 14.69 34.86
C LYS A 228 -18.42 14.03 34.79
N MET A 229 -18.60 13.15 33.80
CA MET A 229 -19.83 12.32 33.67
C MET A 229 -20.14 11.56 34.93
N VAL A 230 -19.14 10.89 35.47
CA VAL A 230 -19.26 10.17 36.73
C VAL A 230 -19.63 11.04 37.94
N GLN A 231 -19.00 12.23 38.02
CA GLN A 231 -19.36 13.23 39.03
C GLN A 231 -20.82 13.63 38.93
N ASP A 232 -21.25 13.91 37.70
CA ASP A 232 -22.61 14.35 37.47
C ASP A 232 -23.64 13.28 37.83
N ILE A 233 -23.29 12.03 37.59
CA ILE A 233 -24.12 10.88 38.00
C ILE A 233 -24.29 10.86 39.52
N ASP A 234 -23.19 10.91 40.25
CA ASP A 234 -23.26 11.02 41.73
C ASP A 234 -24.04 12.23 42.21
N GLY A 235 -23.96 13.33 41.47
CA GLY A 235 -24.68 14.58 41.78
C GLY A 235 -26.20 14.43 41.73
N LEU A 236 -26.63 13.35 41.08
CA LEU A 236 -28.03 13.03 40.94
C LEU A 236 -28.66 12.57 42.26
N GLY A 237 -27.81 12.06 43.16
CA GLY A 237 -28.26 11.57 44.44
C GLY A 237 -28.07 10.07 44.50
N ALA A 238 -28.02 9.55 45.72
CA ALA A 238 -27.90 8.11 45.98
C ALA A 238 -29.00 7.29 45.30
N PRO A 239 -28.62 6.14 44.69
CA PRO A 239 -29.63 5.29 44.06
C PRO A 239 -30.62 4.69 45.08
N GLY A 240 -31.64 4.01 44.59
CA GLY A 240 -32.56 3.27 45.44
C GLY A 240 -32.00 1.92 45.82
N LYS A 241 -32.87 1.04 46.28
CA LYS A 241 -32.46 -0.25 46.83
C LYS A 241 -32.07 -1.21 45.71
N ASP A 242 -32.65 -0.97 44.52
CA ASP A 242 -32.35 -1.74 43.30
C ASP A 242 -31.04 -1.31 42.64
N SER A 243 -30.40 -0.28 43.22
CA SER A 243 -29.21 0.43 42.67
CA SER A 243 -29.20 0.42 42.66
C SER A 243 -29.50 1.36 41.47
N LYS A 244 -30.77 1.59 41.22
CA LYS A 244 -31.22 2.44 40.12
C LYS A 244 -31.88 3.69 40.69
N LEU A 245 -32.03 4.73 39.89
CA LEU A 245 -32.47 6.00 40.43
C LEU A 245 -33.72 6.45 39.69
N GLU A 246 -34.83 6.58 40.42
CA GLU A 246 -36.06 7.12 39.86
CA GLU A 246 -36.08 7.14 39.90
C GLU A 246 -35.96 8.64 39.78
N MET A 247 -36.37 9.21 38.65
CA MET A 247 -36.31 10.67 38.42
C MET A 247 -37.50 11.13 37.59
N ASP A 248 -37.97 12.36 37.84
CA ASP A 248 -38.99 12.93 36.98
C ASP A 248 -38.39 13.32 35.65
N ASN A 249 -39.22 13.43 34.61
CA ASN A 249 -38.72 13.63 33.26
C ASN A 249 -37.89 14.91 33.12
N ALA A 250 -38.27 15.96 33.84
CA ALA A 250 -37.51 17.21 33.80
C ALA A 250 -36.07 17.01 34.32
N LYS A 251 -35.92 16.37 35.47
CA LYS A 251 -34.58 16.07 36.04
C LYS A 251 -33.76 15.19 35.07
N TYR A 252 -34.42 14.16 34.51
CA TYR A 252 -33.75 13.27 33.58
C TYR A 252 -33.22 14.02 32.33
N GLN A 253 -34.06 14.85 31.74
CA GLN A 253 -33.69 15.58 30.53
C GLN A 253 -32.52 16.52 30.76
N ALA A 254 -32.48 17.14 31.96
CA ALA A 254 -31.41 18.07 32.29
C ALA A 254 -30.09 17.28 32.45
N TRP A 255 -30.16 16.14 33.13
CA TRP A 255 -29.01 15.24 33.26
C TRP A 255 -28.53 14.75 31.87
N GLN A 256 -29.47 14.36 31.01
CA GLN A 256 -29.15 13.88 29.67
C GLN A 256 -28.44 14.97 28.85
N SER A 257 -28.91 16.22 28.94
CA SER A 257 -28.25 17.29 28.20
CA SER A 257 -28.26 17.30 28.23
CA SER A 257 -28.28 17.36 28.26
C SER A 257 -26.82 17.52 28.70
N GLY A 258 -26.59 17.40 30.01
CA GLY A 258 -25.26 17.49 30.60
C GLY A 258 -24.36 16.34 30.17
N PHE A 259 -24.91 15.13 30.12
CA PHE A 259 -24.18 13.94 29.65
C PHE A 259 -23.75 14.12 28.20
N LYS A 260 -24.69 14.54 27.36
CA LYS A 260 -24.45 14.80 25.94
C LYS A 260 -23.36 15.81 25.75
N ALA A 261 -23.35 16.88 26.55
CA ALA A 261 -22.31 17.92 26.46
C ALA A 261 -20.92 17.33 26.68
N GLN A 262 -20.82 16.43 27.66
CA GLN A 262 -19.54 15.75 27.88
C GLN A 262 -19.15 14.81 26.73
N GLU A 263 -20.12 14.07 26.20
CA GLU A 263 -19.86 13.29 24.99
C GLU A 263 -19.36 14.19 23.87
N GLU A 264 -19.97 15.36 23.74
CA GLU A 264 -19.54 16.32 22.71
C GLU A 264 -18.10 16.80 22.92
N ASN A 265 -17.69 16.96 24.17
CA ASN A 265 -16.31 17.33 24.46
C ASN A 265 -15.30 16.31 23.96
N MET A 266 -15.59 15.03 24.19
CA MET A 266 -14.71 13.95 23.70
C MET A 266 -14.68 13.89 22.17
N LYS A 267 -15.86 14.07 21.57
CA LYS A 267 -15.99 14.10 20.11
C LYS A 267 -15.16 15.24 19.51
N THR A 268 -15.21 16.43 20.14
CA THR A 268 -14.44 17.58 19.73
C THR A 268 -12.93 17.31 19.82
N THR A 269 -12.49 16.69 20.92
CA THR A 269 -11.06 16.35 21.10
C THR A 269 -10.61 15.43 19.98
N LEU A 270 -11.35 14.37 19.74
CA LEU A 270 -11.01 13.43 18.64
C LEU A 270 -11.02 14.13 17.29
N GLN A 271 -12.06 14.94 17.04
CA GLN A 271 -12.13 15.73 15.80
C GLN A 271 -10.90 16.61 15.57
N THR A 272 -10.45 17.30 16.61
CA THR A 272 -9.24 18.12 16.55
C THR A 272 -8.01 17.25 16.18
N LEU A 273 -7.96 16.06 16.78
CA LEU A 273 -6.75 15.22 16.60
C LEU A 273 -6.73 14.63 15.21
N THR A 274 -7.89 14.23 14.71
CA THR A 274 -7.92 13.64 13.37
C THR A 274 -7.64 14.69 12.26
N GLN A 275 -8.12 15.91 12.47
CA GLN A 275 -7.88 17.03 11.55
C GLN A 275 -6.41 17.36 11.55
N LYS A 276 -5.83 17.44 12.73
CA LYS A 276 -4.42 17.75 12.83
C LYS A 276 -3.56 16.64 12.16
N TYR A 277 -3.99 15.38 12.34
CA TYR A 277 -3.34 14.25 11.61
C TYR A 277 -3.43 14.52 10.13
N SER A 278 -4.64 14.81 9.66
CA SER A 278 -4.82 15.04 8.21
C SER A 278 -3.90 16.12 7.67
N ASN A 279 -3.70 17.18 8.43
CA ASN A 279 -2.86 18.26 7.96
C ASN A 279 -1.38 17.92 7.99
N ALA A 280 -0.99 17.12 8.98
CA ALA A 280 0.36 16.54 9.01
C ALA A 280 0.57 15.63 7.79
N ASN A 281 -0.45 14.84 7.45
CA ASN A 281 -0.41 13.99 6.27
C ASN A 281 -0.35 14.83 4.95
N SER A 282 -1.09 15.96 4.93
CA SER A 282 -1.07 16.92 3.78
CA SER A 282 -1.05 16.95 3.85
C SER A 282 0.29 17.63 3.67
N LEU A 283 0.93 17.94 4.80
CA LEU A 283 2.24 18.60 4.76
C LEU A 283 3.26 17.64 4.14
N TYR A 284 3.20 16.36 4.56
CA TYR A 284 4.10 15.34 4.00
C TYR A 284 3.82 15.11 2.55
N ASP A 285 2.55 15.05 2.18
CA ASP A 285 2.13 14.91 0.78
C ASP A 285 2.53 16.10 -0.13
N ASN A 286 2.54 17.30 0.42
CA ASN A 286 3.07 18.46 -0.31
C ASN A 286 4.54 18.31 -0.65
N LEU A 287 5.33 17.80 0.32
CA LEU A 287 6.72 17.46 0.02
C LEU A 287 6.85 16.36 -1.06
N VAL A 288 6.07 15.30 -0.95
CA VAL A 288 5.99 14.24 -1.97
C VAL A 288 5.69 14.84 -3.39
N LYS A 289 4.78 15.83 -3.45
CA LYS A 289 4.43 16.49 -4.71
C LYS A 289 5.62 17.27 -5.29
N VAL A 290 6.39 17.91 -4.41
CA VAL A 290 7.62 18.56 -4.85
C VAL A 290 8.61 17.54 -5.44
N LEU A 291 8.75 16.40 -4.77
CA LEU A 291 9.60 15.30 -5.30
C LEU A 291 9.10 14.86 -6.69
N SER A 292 7.80 14.60 -6.78
CA SER A 292 7.20 14.12 -8.05
C SER A 292 7.37 15.09 -9.19
N SER A 293 7.13 16.37 -8.91
CA SER A 293 7.28 17.40 -9.90
C SER A 293 8.77 17.64 -10.36
N THR A 294 9.71 17.58 -9.41
CA THR A 294 11.15 17.56 -9.72
C THR A 294 11.53 16.42 -10.67
N ILE A 295 11.06 15.22 -10.36
CA ILE A 295 11.39 14.02 -11.15
C ILE A 295 10.74 14.12 -12.52
N SER A 296 9.50 14.58 -12.54
CA SER A 296 8.81 14.76 -13.81
C SER A 296 9.49 15.83 -14.73
N SER A 297 9.98 16.94 -14.17
CA SER A 297 10.77 17.92 -14.96
C SER A 297 12.06 17.35 -15.46
N SER A 298 12.79 16.59 -14.62
CA SER A 298 14.00 15.89 -15.09
C SER A 298 13.67 14.90 -16.22
N LEU A 299 12.54 14.23 -16.10
CA LEU A 299 12.13 13.27 -17.12
C LEU A 299 11.89 14.00 -18.45
N GLU A 300 11.25 15.17 -18.38
CA GLU A 300 11.03 16.04 -19.56
C GLU A 300 12.38 16.39 -20.20
N THR A 301 13.33 16.80 -19.35
CA THR A 301 14.68 17.09 -19.81
C THR A 301 15.36 15.93 -20.52
N ALA A 302 15.22 14.72 -19.97
CA ALA A 302 15.86 13.52 -20.56
C ALA A 302 15.23 13.17 -21.91
N LYS A 303 13.97 13.60 -22.10
CA LYS A 303 13.20 13.22 -23.31
C LYS A 303 13.25 14.28 -24.39
N SER A 304 13.78 15.46 -24.06
CA SER A 304 13.67 16.63 -24.91
C SER A 304 15.04 17.04 -25.50
N PHE A 305 14.99 17.64 -26.67
CA PHE A 305 16.18 18.12 -27.35
C PHE A 305 15.87 19.37 -28.16
N LEU A 306 16.76 20.35 -28.06
CA LEU A 306 16.69 21.60 -28.80
C LEU A 306 16.89 21.33 -30.28
N GLN A 307 16.04 21.97 -31.10
CA GLN A 307 16.12 21.87 -32.55
C GLN A 307 17.43 22.41 -33.09
N GLY B 7 28.19 -0.72 -50.51
CA GLY B 7 27.75 -1.60 -51.62
C GLY B 7 26.71 -2.61 -51.17
N THR B 8 27.10 -3.47 -50.23
CA THR B 8 26.24 -4.50 -49.65
C THR B 8 25.41 -3.94 -48.49
N ASP B 9 25.74 -2.72 -48.10
CA ASP B 9 25.09 -2.05 -46.99
C ASP B 9 23.61 -1.74 -47.23
N ILE B 10 23.26 -1.33 -48.44
CA ILE B 10 21.84 -1.12 -48.78
C ILE B 10 21.03 -2.41 -48.60
N ILE B 11 21.59 -3.54 -49.05
CA ILE B 11 20.96 -4.83 -48.83
C ILE B 11 20.89 -5.14 -47.32
N SER B 12 22.02 -4.98 -46.63
CA SER B 12 22.12 -5.29 -45.20
C SER B 12 21.13 -4.47 -44.39
N LEU B 13 21.12 -3.16 -44.60
CA LEU B 13 20.29 -2.23 -43.86
C LEU B 13 18.81 -2.44 -44.12
N SER B 14 18.43 -2.76 -45.36
CA SER B 14 17.01 -2.95 -45.66
C SER B 14 16.54 -4.30 -45.09
N GLN B 15 17.40 -5.30 -45.10
CA GLN B 15 17.12 -6.57 -44.46
C GLN B 15 16.88 -6.35 -42.96
N ALA B 16 17.80 -5.63 -42.32
CA ALA B 16 17.67 -5.32 -40.91
C ALA B 16 16.35 -4.62 -40.67
N ALA B 17 16.03 -3.62 -41.50
CA ALA B 17 14.86 -2.79 -41.31
C ALA B 17 13.55 -3.59 -41.35
N THR B 18 13.48 -4.55 -42.26
CA THR B 18 12.26 -5.33 -42.42
C THR B 18 12.04 -6.24 -41.21
N LYS B 19 13.08 -6.98 -40.87
CA LYS B 19 13.08 -7.87 -39.71
C LYS B 19 12.72 -7.15 -38.39
N ILE B 20 13.34 -5.99 -38.13
CA ILE B 20 13.02 -5.12 -36.97
C ILE B 20 11.54 -4.66 -36.95
N HIS B 21 11.02 -4.24 -38.12
CA HIS B 21 9.60 -3.91 -38.29
C HIS B 21 8.71 -5.14 -38.05
N GLN B 22 9.16 -6.32 -38.48
CA GLN B 22 8.42 -7.54 -38.21
C GLN B 22 8.34 -7.80 -36.67
N ALA B 23 9.51 -7.83 -36.04
CA ALA B 23 9.65 -7.95 -34.58
C ALA B 23 8.78 -6.94 -33.83
N GLN B 24 8.84 -5.67 -34.25
CA GLN B 24 8.10 -4.58 -33.58
C GLN B 24 6.60 -4.79 -33.62
N GLN B 25 6.13 -5.29 -34.75
CA GLN B 25 4.72 -5.56 -34.93
C GLN B 25 4.24 -6.68 -34.02
N THR B 26 5.03 -7.74 -33.87
CA THR B 26 4.67 -8.85 -32.98
C THR B 26 4.51 -8.35 -31.54
N LEU B 27 5.42 -7.50 -31.11
CA LEU B 27 5.47 -7.06 -29.71
C LEU B 27 4.40 -6.01 -29.37
N GLN B 28 3.95 -5.30 -30.40
CA GLN B 28 2.89 -4.30 -30.24
C GLN B 28 1.50 -4.94 -30.30
N SER B 29 1.41 -6.16 -30.81
CA SER B 29 0.13 -6.79 -31.08
C SER B 29 -0.21 -8.03 -30.25
N THR B 30 0.79 -8.67 -29.63
CA THR B 30 0.63 -9.97 -28.96
C THR B 30 0.62 -9.76 -27.44
N PRO B 31 -0.56 -9.89 -26.82
CA PRO B 31 -0.58 -9.63 -25.38
C PRO B 31 0.16 -10.76 -24.62
N PRO B 32 0.83 -10.41 -23.50
CA PRO B 32 1.64 -11.38 -22.77
C PRO B 32 0.77 -12.20 -21.79
N ILE B 33 -0.24 -12.88 -22.33
CA ILE B 33 -1.23 -13.53 -21.45
C ILE B 33 -1.20 -15.06 -21.45
N SER B 34 -0.22 -15.63 -22.13
CA SER B 34 -0.04 -17.08 -22.13
C SER B 34 1.40 -17.43 -22.40
N GLU B 35 1.78 -18.64 -22.03
CA GLU B 35 3.10 -19.18 -22.34
C GLU B 35 3.40 -19.12 -23.83
N GLU B 36 2.40 -19.42 -24.66
CA GLU B 36 2.54 -19.41 -26.11
C GLU B 36 2.79 -18.00 -26.69
N ASN B 37 1.98 -17.04 -26.27
CA ASN B 37 2.18 -15.65 -26.63
C ASN B 37 3.56 -15.12 -26.17
N ASN B 38 3.96 -15.43 -24.95
CA ASN B 38 5.26 -15.02 -24.44
C ASN B 38 6.42 -15.63 -25.23
N ASP B 39 6.27 -16.89 -25.66
CA ASP B 39 7.25 -17.57 -26.53
C ASP B 39 7.43 -16.80 -27.83
N GLU B 40 6.34 -16.34 -28.45
CA GLU B 40 6.42 -15.56 -29.68
C GLU B 40 7.08 -14.21 -29.48
N ARG B 41 6.74 -13.58 -28.34
CA ARG B 41 7.35 -12.30 -27.95
C ARG B 41 8.89 -12.46 -27.76
N THR B 42 9.33 -13.50 -27.04
CA THR B 42 10.76 -13.81 -26.94
C THR B 42 11.41 -14.08 -28.30
N LEU B 43 10.73 -14.85 -29.16
CA LEU B 43 11.28 -15.12 -30.50
CA LEU B 43 11.26 -15.13 -30.50
C LEU B 43 11.39 -13.86 -31.33
N ALA B 44 10.42 -12.97 -31.23
CA ALA B 44 10.46 -11.67 -31.94
C ALA B 44 11.71 -10.86 -31.50
N ARG B 45 12.07 -10.94 -30.23
CA ARG B 45 13.24 -10.18 -29.76
C ARG B 45 14.54 -10.83 -30.26
N GLN B 46 14.54 -12.16 -30.37
CA GLN B 46 15.70 -12.89 -30.91
C GLN B 46 15.88 -12.57 -32.38
N GLN B 47 14.77 -12.45 -33.10
CA GLN B 47 14.80 -11.99 -34.49
C GLN B 47 15.46 -10.60 -34.56
N LEU B 48 15.00 -9.70 -33.70
CA LEU B 48 15.50 -8.33 -33.68
C LEU B 48 17.01 -8.33 -33.37
N THR B 49 17.41 -9.01 -32.29
CA THR B 49 18.83 -9.03 -31.92
C THR B 49 19.75 -9.69 -32.99
N SER B 50 19.23 -10.69 -33.71
CA SER B 50 20.02 -11.37 -34.74
C SER B 50 20.22 -10.47 -35.99
N SER B 51 19.24 -9.61 -36.26
CA SER B 51 19.37 -8.58 -37.28
C SER B 51 20.49 -7.58 -36.94
N LEU B 52 20.61 -7.22 -35.65
CA LEU B 52 21.69 -6.36 -35.18
C LEU B 52 23.03 -7.08 -35.26
N ASN B 53 23.03 -8.37 -34.92
CA ASN B 53 24.23 -9.22 -35.07
C ASN B 53 24.63 -9.37 -36.53
N ALA B 54 23.66 -9.48 -37.44
CA ALA B 54 23.91 -9.45 -38.89
C ALA B 54 24.51 -8.12 -39.38
N LEU B 55 24.06 -7.01 -38.79
CA LEU B 55 24.62 -5.67 -39.08
C LEU B 55 26.03 -5.52 -38.52
N ALA B 56 26.27 -6.08 -37.34
CA ALA B 56 27.61 -6.03 -36.77
C ALA B 56 28.60 -6.83 -37.65
N LYS B 57 28.16 -7.98 -38.16
CA LYS B 57 29.01 -8.78 -39.06
C LYS B 57 29.37 -8.03 -40.35
N SER B 58 28.36 -7.70 -41.15
CA SER B 58 28.60 -6.86 -42.32
C SER B 58 29.25 -5.53 -41.88
N GLY B 59 30.01 -4.90 -42.76
CA GLY B 59 30.74 -3.66 -42.42
C GLY B 59 29.89 -2.59 -41.72
N VAL B 60 28.97 -2.00 -42.48
CA VAL B 60 28.01 -0.95 -42.03
C VAL B 60 28.34 -0.18 -40.75
N SER B 61 28.91 1.00 -40.96
CA SER B 61 29.22 1.89 -39.88
C SER B 61 28.26 3.08 -39.96
N LEU B 62 28.29 3.92 -38.93
CA LEU B 62 27.37 5.05 -38.79
C LEU B 62 28.16 6.34 -38.59
N SER B 63 27.47 7.49 -38.58
CA SER B 63 28.15 8.74 -38.25
C SER B 63 28.43 8.81 -36.75
N ALA B 64 29.32 9.70 -36.33
CA ALA B 64 29.67 9.85 -34.93
C ALA B 64 28.45 10.30 -34.13
N GLU B 65 27.60 11.11 -34.78
CA GLU B 65 26.34 11.58 -34.24
C GLU B 65 25.34 10.42 -33.99
N GLN B 66 25.24 9.52 -34.97
CA GLN B 66 24.40 8.31 -34.83
C GLN B 66 24.94 7.38 -33.77
N ASN B 67 26.27 7.23 -33.72
CA ASN B 67 26.92 6.40 -32.72
C ASN B 67 26.59 6.94 -31.32
N GLU B 68 26.69 8.24 -31.14
CA GLU B 68 26.44 8.82 -29.82
C GLU B 68 24.96 8.83 -29.43
N ASN B 69 24.09 9.05 -30.41
CA ASN B 69 22.65 8.91 -30.24
C ASN B 69 22.29 7.54 -29.70
N LEU B 70 22.89 6.50 -30.27
CA LEU B 70 22.61 5.16 -29.87
C LEU B 70 23.23 4.85 -28.51
N ARG B 71 24.46 5.32 -28.26
CA ARG B 71 25.11 5.05 -26.98
C ARG B 71 24.30 5.65 -25.83
N SER B 72 23.73 6.81 -26.07
CA SER B 72 22.85 7.53 -25.14
C SER B 72 21.50 6.83 -24.93
N ALA B 73 20.82 6.51 -26.03
CA ALA B 73 19.52 5.83 -25.93
C ALA B 73 19.63 4.45 -25.30
N PHE B 74 20.66 3.69 -25.71
CA PHE B 74 20.79 2.31 -25.27
C PHE B 74 21.72 2.13 -24.06
N SER B 75 21.54 2.98 -23.06
CA SER B 75 22.19 2.87 -21.72
C SER B 75 21.12 2.40 -20.70
N ALA B 76 21.52 1.56 -19.75
CA ALA B 76 20.65 1.05 -18.69
C ALA B 76 21.42 0.90 -17.40
N PRO B 77 20.71 0.94 -16.24
CA PRO B 77 21.37 0.78 -14.94
C PRO B 77 21.98 -0.63 -14.78
N THR B 78 22.98 -0.74 -13.90
CA THR B 78 23.56 -2.06 -13.59
C THR B 78 22.87 -2.66 -12.38
N SER B 79 21.93 -3.57 -12.63
CA SER B 79 21.19 -4.25 -11.57
C SER B 79 20.55 -5.51 -12.13
N ALA B 80 20.04 -6.36 -11.23
CA ALA B 80 19.40 -7.64 -11.59
C ALA B 80 18.25 -7.48 -12.58
N LEU B 81 17.61 -6.32 -12.52
CA LEU B 81 16.47 -6.05 -13.37
C LEU B 81 16.92 -5.90 -14.83
N PHE B 82 18.17 -5.47 -15.05
CA PHE B 82 18.65 -5.11 -16.39
C PHE B 82 19.87 -5.85 -16.94
N SER B 83 20.92 -6.00 -16.14
CA SER B 83 22.20 -6.54 -16.59
C SER B 83 22.08 -8.02 -16.95
N ILE B 99 29.41 -0.85 -32.39
CA ILE B 99 28.23 -0.10 -31.98
C ILE B 99 26.96 -0.98 -32.03
N TRP B 100 26.82 -1.78 -33.09
CA TRP B 100 25.71 -2.70 -33.26
C TRP B 100 25.71 -3.84 -32.23
N ASP B 101 26.89 -4.14 -31.70
CA ASP B 101 27.04 -5.11 -30.63
C ASP B 101 26.69 -4.49 -29.29
N MET B 102 27.03 -3.22 -29.12
CA MET B 102 26.63 -2.50 -27.94
C MET B 102 25.10 -2.37 -27.85
N VAL B 103 24.48 -2.02 -28.97
CA VAL B 103 23.01 -1.93 -29.01
C VAL B 103 22.42 -3.33 -28.77
N SER B 104 23.01 -4.35 -29.41
CA SER B 104 22.52 -5.73 -29.29
C SER B 104 22.50 -6.21 -27.85
N GLN B 105 23.60 -5.94 -27.14
CA GLN B 105 23.75 -6.41 -25.79
C GLN B 105 22.80 -5.73 -24.82
N ASN B 106 22.70 -4.41 -24.91
CA ASN B 106 21.84 -3.65 -24.03
C ASN B 106 20.36 -3.86 -24.30
N ILE B 107 19.98 -3.93 -25.59
CA ILE B 107 18.56 -4.20 -25.91
C ILE B 107 18.15 -5.61 -25.48
N SER B 108 19.06 -6.58 -25.60
CA SER B 108 18.84 -7.94 -25.13
C SER B 108 18.59 -7.94 -23.64
N ALA B 109 19.33 -7.09 -22.94
CA ALA B 109 19.30 -7.05 -21.50
C ALA B 109 17.93 -6.52 -21.06
N ILE B 110 17.49 -5.40 -21.67
CA ILE B 110 16.16 -4.84 -21.37
C ILE B 110 15.10 -5.88 -21.72
N GLY B 111 15.26 -6.49 -22.90
CA GLY B 111 14.27 -7.45 -23.41
C GLY B 111 14.13 -8.74 -22.63
N ASP B 112 15.27 -9.35 -22.29
CA ASP B 112 15.29 -10.63 -21.60
C ASP B 112 15.05 -10.42 -20.13
N SER B 113 15.87 -9.57 -19.51
CA SER B 113 15.90 -9.45 -18.06
C SER B 113 14.81 -8.56 -17.47
N TYR B 114 14.23 -7.70 -18.27
CA TYR B 114 13.26 -6.75 -17.72
C TYR B 114 11.86 -6.99 -18.33
N LEU B 115 11.73 -6.68 -19.62
CA LEU B 115 10.46 -6.94 -20.31
C LEU B 115 10.03 -8.41 -20.21
N GLY B 116 10.96 -9.33 -20.46
CA GLY B 116 10.68 -10.76 -20.38
C GLY B 116 10.12 -11.22 -19.03
N VAL B 117 10.62 -10.62 -17.94
CA VAL B 117 10.10 -10.94 -16.61
C VAL B 117 8.68 -10.42 -16.47
N TYR B 118 8.50 -9.17 -16.85
CA TYR B 118 7.17 -8.59 -16.77
C TYR B 118 6.14 -9.38 -17.59
N GLU B 119 6.54 -9.90 -18.75
CA GLU B 119 5.61 -10.68 -19.58
C GLU B 119 5.18 -11.94 -18.84
N ASN B 120 6.16 -12.57 -18.18
CA ASN B 120 5.90 -13.77 -17.39
C ASN B 120 4.96 -13.45 -16.23
N VAL B 121 5.22 -12.31 -15.58
CA VAL B 121 4.38 -11.87 -14.47
C VAL B 121 2.90 -11.75 -14.91
N VAL B 122 2.64 -11.13 -16.06
CA VAL B 122 1.26 -10.87 -16.51
C VAL B 122 0.57 -12.21 -16.81
N ALA B 123 1.29 -13.09 -17.50
CA ALA B 123 0.75 -14.44 -17.83
C ALA B 123 0.38 -15.26 -16.59
N VAL B 124 1.31 -15.33 -15.62
CA VAL B 124 1.07 -16.08 -14.37
C VAL B 124 -0.07 -15.44 -13.55
N TYR B 125 -0.05 -14.12 -13.45
CA TYR B 125 -1.07 -13.43 -12.63
C TYR B 125 -2.45 -13.47 -13.27
N THR B 126 -2.48 -13.44 -14.60
CA THR B 126 -3.73 -13.58 -15.35
C THR B 126 -4.41 -14.93 -15.15
N ASP B 127 -3.61 -15.99 -15.17
CA ASP B 127 -4.18 -17.30 -14.96
C ASP B 127 -4.55 -17.53 -13.51
N PHE B 128 -3.80 -16.91 -12.61
CA PHE B 128 -4.12 -16.97 -11.19
C PHE B 128 -5.47 -16.28 -10.94
N TYR B 129 -5.66 -15.10 -11.53
CA TYR B 129 -6.89 -14.35 -11.30
C TYR B 129 -8.07 -15.05 -11.98
N GLN B 130 -7.83 -15.68 -13.11
CA GLN B 130 -8.85 -16.58 -13.72
C GLN B 130 -9.31 -17.70 -12.77
N ALA B 131 -8.35 -18.38 -12.15
CA ALA B 131 -8.69 -19.43 -11.18
C ALA B 131 -9.54 -18.86 -10.03
N PHE B 132 -9.20 -17.65 -9.61
CA PHE B 132 -9.97 -16.97 -8.57
C PHE B 132 -11.39 -16.61 -9.09
N SER B 133 -11.47 -16.10 -10.31
CA SER B 133 -12.81 -15.78 -10.91
C SER B 133 -13.73 -17.01 -11.05
N ASP B 134 -13.09 -18.16 -11.25
CA ASP B 134 -13.80 -19.45 -11.35
C ASP B 134 -14.46 -19.81 -10.02
N ILE B 135 -13.75 -19.52 -8.94
CA ILE B 135 -14.33 -19.64 -7.61
C ILE B 135 -15.49 -18.68 -7.45
N LEU B 136 -15.30 -17.43 -7.87
CA LEU B 136 -16.35 -16.43 -7.69
C LEU B 136 -17.64 -16.87 -8.39
N SER B 137 -17.49 -17.58 -9.51
CA SER B 137 -18.61 -17.98 -10.34
C SER B 137 -19.48 -19.01 -9.62
N LYS B 138 -18.92 -19.65 -8.59
CA LYS B 138 -19.65 -20.64 -7.77
C LYS B 138 -20.38 -20.04 -6.54
N MET B 139 -20.11 -18.77 -6.22
CA MET B 139 -20.57 -18.22 -4.96
C MET B 139 -22.10 -18.03 -4.90
N GLY B 140 -22.72 -17.70 -6.02
CA GLY B 140 -24.19 -17.63 -6.07
C GLY B 140 -24.80 -18.94 -5.61
N GLY B 141 -24.23 -20.05 -6.06
CA GLY B 141 -24.74 -21.38 -5.74
C GLY B 141 -24.45 -21.77 -4.28
N TRP B 142 -23.44 -21.12 -3.69
CA TRP B 142 -23.11 -21.37 -2.27
C TRP B 142 -23.88 -20.47 -1.27
N LEU B 143 -24.77 -19.62 -1.78
CA LEU B 143 -25.58 -18.81 -0.91
C LEU B 143 -27.04 -19.24 -1.11
N LEU B 144 -27.65 -19.74 -0.04
CA LEU B 144 -29.03 -20.24 -0.05
C LEU B 144 -30.00 -19.32 0.71
N PRO B 145 -31.31 -19.36 0.36
CA PRO B 145 -32.33 -18.66 1.14
C PRO B 145 -32.30 -19.17 2.57
N GLY B 146 -32.52 -18.28 3.53
CA GLY B 146 -32.63 -18.71 4.93
C GLY B 146 -34.08 -18.97 5.37
N LYS B 147 -34.28 -18.99 6.69
CA LYS B 147 -35.59 -19.29 7.31
C LYS B 147 -36.62 -18.20 7.06
N ASP B 148 -36.15 -16.98 6.83
CA ASP B 148 -37.03 -15.85 6.51
C ASP B 148 -36.31 -14.86 5.64
N GLY B 149 -36.97 -13.75 5.29
CA GLY B 149 -36.39 -12.69 4.42
C GLY B 149 -35.19 -11.93 5.00
N ASN B 150 -34.87 -12.19 6.26
CA ASN B 150 -33.75 -11.49 6.91
C ASN B 150 -32.57 -12.43 7.15
N THR B 151 -32.65 -13.65 6.58
CA THR B 151 -31.67 -14.67 6.90
C THR B 151 -31.18 -15.37 5.63
N VAL B 152 -29.90 -15.76 5.62
CA VAL B 152 -29.33 -16.51 4.49
C VAL B 152 -28.57 -17.69 5.06
N LYS B 153 -28.24 -18.64 4.19
CA LYS B 153 -27.28 -19.70 4.54
C LYS B 153 -26.11 -19.74 3.55
N LEU B 154 -24.90 -19.65 4.06
CA LEU B 154 -23.71 -19.61 3.25
C LEU B 154 -22.93 -20.93 3.43
N ASP B 155 -22.62 -21.58 2.31
CA ASP B 155 -21.77 -22.80 2.33
C ASP B 155 -20.32 -22.36 2.61
N VAL B 156 -20.06 -22.04 3.87
CA VAL B 156 -18.71 -21.60 4.29
C VAL B 156 -17.64 -22.69 4.07
N THR B 157 -18.04 -23.96 4.21
CA THR B 157 -17.02 -25.03 4.05
C THR B 157 -16.59 -25.20 2.59
N SER B 158 -17.53 -25.29 1.66
CA SER B 158 -17.13 -25.44 0.26
C SER B 158 -16.30 -24.24 -0.24
N LEU B 159 -16.69 -23.02 0.20
CA LEU B 159 -15.98 -21.80 -0.20
C LEU B 159 -14.57 -21.78 0.37
N LYS B 160 -14.45 -22.07 1.66
CA LYS B 160 -13.15 -22.08 2.31
C LYS B 160 -12.22 -23.15 1.70
N ASN B 161 -12.79 -24.32 1.44
CA ASN B 161 -12.03 -25.41 0.80
C ASN B 161 -11.50 -25.01 -0.59
N ASP B 162 -12.34 -24.37 -1.42
CA ASP B 162 -11.90 -23.91 -2.73
C ASP B 162 -10.83 -22.83 -2.59
N LEU B 163 -11.04 -21.88 -1.68
CA LEU B 163 -10.03 -20.84 -1.48
C LEU B 163 -8.71 -21.41 -1.00
N ASN B 164 -8.77 -22.30 -0.01
CA ASN B 164 -7.55 -22.95 0.49
C ASN B 164 -6.85 -23.84 -0.56
N SER B 165 -7.63 -24.50 -1.42
CA SER B 165 -7.04 -25.25 -2.57
C SER B 165 -6.30 -24.34 -3.56
N LEU B 166 -6.83 -23.14 -3.79
CA LEU B 166 -6.15 -22.15 -4.64
CA LEU B 166 -6.18 -22.12 -4.62
C LEU B 166 -4.87 -21.62 -3.99
N VAL B 167 -4.92 -21.30 -2.71
CA VAL B 167 -3.70 -20.90 -1.97
C VAL B 167 -2.67 -22.03 -2.10
N ASN B 168 -3.09 -23.26 -1.82
CA ASN B 168 -2.22 -24.47 -1.95
C ASN B 168 -1.66 -24.60 -3.38
N LYS B 169 -2.52 -24.47 -4.40
CA LYS B 169 -2.08 -24.51 -5.81
C LYS B 169 -0.94 -23.53 -6.11
N TYR B 170 -1.11 -22.29 -5.64
CA TYR B 170 -0.16 -21.26 -5.94
C TYR B 170 0.95 -21.17 -4.91
N ASN B 171 0.90 -22.02 -3.91
CA ASN B 171 2.02 -22.31 -3.02
C ASN B 171 3.02 -23.33 -3.65
N GLN B 172 2.61 -24.04 -4.72
CA GLN B 172 3.49 -24.96 -5.47
C GLN B 172 4.48 -24.19 -6.31
N ILE B 173 5.61 -24.81 -6.63
CA ILE B 173 6.67 -24.14 -7.41
CA ILE B 173 6.68 -24.15 -7.40
C ILE B 173 6.81 -24.85 -8.78
N ASN B 174 6.37 -24.18 -9.83
CA ASN B 174 6.39 -24.72 -11.20
C ASN B 174 6.23 -23.59 -12.21
N SER B 175 6.20 -23.88 -13.50
CA SER B 175 6.15 -22.85 -14.56
C SER B 175 4.87 -21.99 -14.56
N ASN B 176 3.85 -22.47 -13.86
CA ASN B 176 2.59 -21.76 -13.77
C ASN B 176 2.44 -20.86 -12.55
N THR B 177 3.35 -20.98 -11.60
CA THR B 177 3.20 -20.27 -10.31
C THR B 177 4.29 -19.25 -10.02
N VAL B 178 5.43 -19.34 -10.72
CA VAL B 178 6.58 -18.49 -10.44
C VAL B 178 6.58 -17.25 -11.33
N LEU B 179 6.68 -16.08 -10.68
CA LEU B 179 6.70 -14.75 -11.36
C LEU B 179 8.09 -14.35 -11.82
N PHE B 180 9.06 -14.57 -10.92
CA PHE B 180 10.48 -14.39 -11.23
C PHE B 180 11.33 -15.52 -10.58
N PRO B 181 12.33 -16.06 -11.32
CA PRO B 181 12.67 -15.82 -12.71
C PRO B 181 11.63 -16.36 -13.64
N ALA B 182 11.71 -15.95 -14.91
CA ALA B 182 10.86 -16.55 -15.94
C ALA B 182 11.23 -18.03 -16.09
N GLN B 183 10.25 -18.89 -16.36
CA GLN B 183 10.47 -20.33 -16.41
C GLN B 183 10.46 -20.80 -17.87
N SER B 184 11.42 -21.65 -18.21
CA SER B 184 11.69 -22.09 -19.57
CA SER B 184 11.62 -22.06 -19.60
C SER B 184 11.31 -23.55 -19.80
N GLY B 187 13.53 -29.05 -14.53
CA GLY B 187 14.16 -27.75 -14.34
C GLY B 187 13.24 -26.70 -13.74
N VAL B 188 13.64 -26.10 -12.62
CA VAL B 188 13.02 -24.86 -12.17
C VAL B 188 14.12 -23.81 -12.15
N LYS B 189 13.90 -22.68 -12.84
CA LYS B 189 14.91 -21.60 -12.86
C LYS B 189 14.80 -20.79 -11.58
N VAL B 190 15.92 -20.68 -10.86
CA VAL B 190 15.98 -19.95 -9.61
C VAL B 190 16.96 -18.78 -9.73
N ALA B 191 16.93 -17.90 -8.75
CA ALA B 191 17.80 -16.74 -8.71
C ALA B 191 18.44 -16.67 -7.34
N THR B 192 19.42 -15.78 -7.20
CA THR B 192 19.98 -15.52 -5.87
C THR B 192 18.98 -14.75 -5.04
N GLU B 193 19.19 -14.74 -3.72
CA GLU B 193 18.37 -13.93 -2.82
C GLU B 193 18.33 -12.44 -3.19
N ALA B 194 19.47 -11.88 -3.58
CA ALA B 194 19.57 -10.45 -3.88
C ALA B 194 18.76 -10.08 -5.15
N GLU B 195 18.83 -10.94 -6.16
CA GLU B 195 18.11 -10.74 -7.40
C GLU B 195 16.60 -10.83 -7.19
N ALA B 196 16.15 -11.89 -6.52
CA ALA B 196 14.72 -12.11 -6.17
C ALA B 196 14.17 -10.96 -5.33
N ARG B 197 14.96 -10.51 -4.35
CA ARG B 197 14.56 -9.36 -3.53
C ARG B 197 14.44 -8.07 -4.34
N GLN B 198 15.30 -7.89 -5.34
CA GLN B 198 15.18 -6.74 -6.23
C GLN B 198 13.86 -6.74 -7.00
N TRP B 199 13.45 -7.92 -7.46
CA TRP B 199 12.15 -8.04 -8.15
C TRP B 199 10.96 -7.89 -7.20
N LEU B 200 11.11 -8.33 -5.95
CA LEU B 200 10.04 -8.17 -4.96
C LEU B 200 9.74 -6.68 -4.80
N SER B 201 10.79 -5.84 -4.80
CA SER B 201 10.61 -4.39 -4.71
C SER B 201 10.05 -3.77 -5.97
N GLU B 202 10.55 -4.23 -7.12
CA GLU B 202 10.06 -3.78 -8.41
C GLU B 202 8.55 -4.09 -8.56
N LEU B 203 8.16 -5.30 -8.16
CA LEU B 203 6.77 -5.77 -8.32
C LEU B 203 5.86 -5.34 -7.16
N ASN B 204 6.47 -4.76 -6.12
CA ASN B 204 5.73 -4.31 -4.93
C ASN B 204 4.91 -5.41 -4.20
N LEU B 205 5.53 -6.59 -4.04
CA LEU B 205 4.89 -7.74 -3.42
C LEU B 205 5.52 -7.91 -2.03
N PRO B 206 4.76 -8.47 -1.08
CA PRO B 206 5.23 -8.65 0.31
C PRO B 206 6.24 -9.78 0.45
N ASN B 207 6.82 -9.90 1.64
CA ASN B 207 7.88 -10.86 1.88
C ASN B 207 7.45 -12.33 1.73
N SER B 208 6.17 -12.58 1.95
CA SER B 208 5.60 -13.90 1.80
C SER B 208 5.67 -14.41 0.35
N SER B 209 5.82 -13.48 -0.60
CA SER B 209 5.99 -13.78 -2.04
C SER B 209 7.40 -14.22 -2.41
N LEU B 210 8.33 -14.10 -1.48
CA LEU B 210 9.66 -14.68 -1.69
C LEU B 210 9.75 -16.12 -1.12
N LYS B 211 10.23 -17.04 -1.94
CA LYS B 211 10.37 -18.43 -1.56
C LYS B 211 11.69 -19.03 -1.99
N SER B 212 12.19 -19.94 -1.17
CA SER B 212 13.38 -20.66 -1.49
C SER B 212 12.96 -21.89 -2.27
N TYR B 213 13.80 -22.28 -3.22
CA TYR B 213 13.63 -23.53 -3.95
C TYR B 213 15.01 -24.03 -4.30
N GLY B 214 15.31 -25.26 -3.88
CA GLY B 214 16.70 -25.73 -3.95
C GLY B 214 17.53 -24.85 -3.03
N SER B 215 18.70 -24.42 -3.50
CA SER B 215 19.44 -23.41 -2.75
C SER B 215 19.32 -22.05 -3.45
N GLY B 216 18.28 -21.93 -4.27
CA GLY B 216 17.96 -20.69 -4.97
C GLY B 216 16.70 -20.06 -4.42
N TYR B 217 16.18 -19.08 -5.16
CA TYR B 217 14.99 -18.34 -4.73
C TYR B 217 14.08 -18.03 -5.93
N VAL B 218 12.78 -17.90 -5.65
CA VAL B 218 11.74 -17.55 -6.63
C VAL B 218 10.80 -16.52 -5.98
N VAL B 219 10.13 -15.74 -6.80
CA VAL B 219 9.09 -14.80 -6.37
C VAL B 219 7.76 -15.36 -6.89
N THR B 220 6.81 -15.49 -5.99
CA THR B 220 5.51 -16.09 -6.30
C THR B 220 4.36 -15.09 -6.09
N VAL B 221 3.15 -15.50 -6.46
CA VAL B 221 1.93 -14.69 -6.36
C VAL B 221 1.63 -14.24 -4.90
N ASP B 222 1.04 -13.07 -4.75
CA ASP B 222 0.64 -12.62 -3.41
C ASP B 222 -0.67 -13.30 -3.02
N LEU B 223 -0.56 -14.27 -2.11
CA LEU B 223 -1.72 -15.04 -1.65
C LEU B 223 -2.36 -14.49 -0.37
N THR B 224 -1.81 -13.39 0.18
CA THR B 224 -2.29 -12.86 1.45
C THR B 224 -3.78 -12.47 1.44
N PRO B 225 -4.31 -11.89 0.34
CA PRO B 225 -5.79 -11.63 0.31
C PRO B 225 -6.68 -12.89 0.38
N LEU B 226 -6.27 -14.00 -0.26
CA LEU B 226 -7.02 -15.25 -0.17
C LEU B 226 -6.95 -15.78 1.27
N GLN B 227 -5.78 -15.68 1.87
CA GLN B 227 -5.55 -16.16 3.25
C GLN B 227 -6.37 -15.34 4.26
N LYS B 228 -6.45 -14.03 4.03
CA LYS B 228 -7.34 -13.16 4.80
C LYS B 228 -8.81 -13.55 4.63
N MET B 229 -9.22 -13.87 3.41
CA MET B 229 -10.62 -14.27 3.15
C MET B 229 -10.93 -15.48 3.97
N VAL B 230 -9.99 -16.42 4.00
CA VAL B 230 -10.22 -17.64 4.76
C VAL B 230 -10.36 -17.37 6.27
N GLN B 231 -9.43 -16.59 6.81
CA GLN B 231 -9.54 -16.16 8.21
C GLN B 231 -10.91 -15.50 8.51
N ASP B 232 -11.35 -14.64 7.60
CA ASP B 232 -12.60 -13.88 7.79
C ASP B 232 -13.76 -14.83 7.79
N ILE B 233 -13.70 -15.84 6.91
CA ILE B 233 -14.78 -16.88 6.88
C ILE B 233 -14.79 -17.71 8.20
N ASP B 234 -13.61 -18.11 8.69
CA ASP B 234 -13.57 -18.77 9.98
C ASP B 234 -14.14 -17.89 11.11
N GLY B 235 -13.92 -16.59 10.98
CA GLY B 235 -14.36 -15.60 12.00
C GLY B 235 -15.87 -15.46 12.10
N LEU B 236 -16.57 -15.92 11.06
CA LEU B 236 -18.04 -15.93 11.05
C LEU B 236 -18.63 -16.87 12.11
N GLY B 237 -17.85 -17.88 12.46
CA GLY B 237 -18.27 -18.83 13.45
C GLY B 237 -18.33 -20.22 12.88
N ALA B 238 -18.43 -21.18 13.77
CA ALA B 238 -18.53 -22.59 13.41
C ALA B 238 -19.79 -22.89 12.59
N PRO B 239 -19.64 -23.60 11.45
CA PRO B 239 -20.81 -24.02 10.73
C PRO B 239 -21.65 -25.02 11.50
N GLY B 240 -22.83 -25.31 10.95
CA GLY B 240 -23.76 -26.22 11.55
C GLY B 240 -23.42 -27.61 11.08
N LYS B 241 -24.36 -28.53 11.33
CA LYS B 241 -24.16 -29.94 11.04
C LYS B 241 -24.01 -30.13 9.54
N ASP B 242 -24.73 -29.31 8.77
CA ASP B 242 -24.69 -29.44 7.32
C ASP B 242 -23.49 -28.72 6.71
N SER B 243 -22.51 -28.34 7.55
CA SER B 243 -21.30 -27.58 7.15
CA SER B 243 -21.31 -27.58 7.14
C SER B 243 -21.59 -26.19 6.48
N LYS B 244 -22.81 -25.71 6.64
CA LYS B 244 -23.19 -24.38 6.13
C LYS B 244 -23.49 -23.49 7.31
N LEU B 245 -23.58 -22.17 7.09
CA LEU B 245 -23.69 -21.27 8.20
C LEU B 245 -24.85 -20.31 7.96
N GLU B 246 -25.84 -20.38 8.83
CA GLU B 246 -26.96 -19.45 8.87
C GLU B 246 -26.51 -18.12 9.51
N MET B 247 -26.90 -17.03 8.86
CA MET B 247 -26.60 -15.69 9.39
C MET B 247 -27.65 -14.71 8.91
N ASP B 248 -27.81 -13.60 9.64
CA ASP B 248 -28.76 -12.58 9.23
C ASP B 248 -28.17 -11.67 8.17
N ASN B 249 -29.03 -10.83 7.56
CA ASN B 249 -28.57 -10.01 6.47
C ASN B 249 -27.45 -9.05 6.86
N ALA B 250 -27.52 -8.51 8.08
CA ALA B 250 -26.50 -7.55 8.55
C ALA B 250 -25.13 -8.21 8.55
N LYS B 251 -25.05 -9.41 9.14
CA LYS B 251 -23.79 -10.12 9.26
C LYS B 251 -23.28 -10.51 7.87
N TYR B 252 -24.20 -11.00 7.05
CA TYR B 252 -23.85 -11.40 5.67
C TYR B 252 -23.34 -10.19 4.87
N GLN B 253 -24.01 -9.03 4.95
CA GLN B 253 -23.51 -7.83 4.23
C GLN B 253 -22.12 -7.37 4.69
N ALA B 254 -21.92 -7.36 6.00
CA ALA B 254 -20.63 -6.99 6.56
C ALA B 254 -19.54 -7.93 6.04
N TRP B 255 -19.78 -9.23 6.17
CA TRP B 255 -18.85 -10.21 5.63
C TRP B 255 -18.58 -10.00 4.13
N GLN B 256 -19.63 -9.85 3.33
CA GLN B 256 -19.48 -9.68 1.90
C GLN B 256 -18.62 -8.47 1.51
N SER B 257 -18.79 -7.37 2.23
CA SER B 257 -17.97 -6.17 2.07
C SER B 257 -16.48 -6.41 2.35
N GLY B 258 -16.19 -7.19 3.39
CA GLY B 258 -14.83 -7.55 3.72
C GLY B 258 -14.22 -8.46 2.63
N PHE B 259 -15.02 -9.40 2.14
CA PHE B 259 -14.61 -10.26 1.04
C PHE B 259 -14.31 -9.47 -0.23
N LYS B 260 -15.22 -8.57 -0.60
CA LYS B 260 -15.03 -7.78 -1.80
C LYS B 260 -13.74 -6.91 -1.69
N ALA B 261 -13.44 -6.43 -0.49
CA ALA B 261 -12.26 -5.62 -0.28
C ALA B 261 -11.01 -6.43 -0.62
N GLN B 262 -11.06 -7.72 -0.28
CA GLN B 262 -9.91 -8.59 -0.54
C GLN B 262 -9.84 -8.94 -2.03
N GLU B 263 -11.01 -9.16 -2.62
CA GLU B 263 -11.12 -9.34 -4.07
C GLU B 263 -10.47 -8.14 -4.83
N GLU B 264 -10.80 -6.93 -4.38
CA GLU B 264 -10.28 -5.69 -5.00
C GLU B 264 -8.78 -5.57 -4.82
N ASN B 265 -8.27 -6.01 -3.68
CA ASN B 265 -6.83 -6.03 -3.48
C ASN B 265 -6.10 -6.80 -4.59
N MET B 266 -6.56 -8.02 -4.90
CA MET B 266 -5.91 -8.86 -5.94
C MET B 266 -6.12 -8.28 -7.32
N LYS B 267 -7.31 -7.73 -7.54
CA LYS B 267 -7.65 -7.08 -8.81
C LYS B 267 -6.72 -5.88 -9.08
N THR B 268 -6.48 -5.08 -8.04
CA THR B 268 -5.59 -3.94 -8.10
C THR B 268 -4.14 -4.39 -8.33
N THR B 269 -3.73 -5.47 -7.68
CA THR B 269 -2.36 -5.96 -7.85
C THR B 269 -2.18 -6.36 -9.32
N LEU B 270 -3.16 -7.08 -9.86
CA LEU B 270 -3.16 -7.47 -11.28
C LEU B 270 -3.11 -6.26 -12.22
N GLN B 271 -3.92 -5.26 -11.93
CA GLN B 271 -3.98 -4.02 -12.73
C GLN B 271 -2.63 -3.29 -12.72
N THR B 272 -2.08 -3.13 -11.52
CA THR B 272 -0.81 -2.41 -11.35
C THR B 272 0.32 -3.14 -12.08
N LEU B 273 0.37 -4.46 -11.94
CA LEU B 273 1.40 -5.26 -12.64
C LEU B 273 1.29 -5.17 -14.13
N THR B 274 0.07 -5.18 -14.64
CA THR B 274 -0.17 -5.11 -16.08
C THR B 274 0.24 -3.72 -16.55
N GLN B 275 -0.03 -2.70 -15.74
CA GLN B 275 0.37 -1.33 -16.11
C GLN B 275 1.88 -1.20 -16.18
N LYS B 276 2.58 -1.79 -15.22
CA LYS B 276 4.04 -1.83 -15.24
C LYS B 276 4.58 -2.57 -16.46
N TYR B 277 3.99 -3.71 -16.77
CA TYR B 277 4.37 -4.41 -18.01
C TYR B 277 4.19 -3.48 -19.24
N SER B 278 3.04 -2.80 -19.34
CA SER B 278 2.78 -1.94 -20.48
C SER B 278 3.82 -0.81 -20.60
N ASN B 279 4.24 -0.26 -19.47
CA ASN B 279 5.30 0.76 -19.49
C ASN B 279 6.67 0.20 -19.87
N ALA B 280 6.98 -1.01 -19.40
CA ALA B 280 8.17 -1.77 -19.83
C ALA B 280 8.08 -2.00 -21.35
N ASN B 281 6.91 -2.41 -21.83
CA ASN B 281 6.74 -2.67 -23.25
C ASN B 281 6.90 -1.42 -24.13
N SER B 282 6.36 -0.31 -23.65
CA SER B 282 6.44 0.99 -24.32
CA SER B 282 6.46 1.01 -24.31
C SER B 282 7.91 1.51 -24.38
N LEU B 283 8.64 1.36 -23.29
CA LEU B 283 10.10 1.64 -23.29
C LEU B 283 10.82 0.85 -24.38
N TYR B 284 10.66 -0.48 -24.38
CA TYR B 284 11.28 -1.34 -25.39
C TYR B 284 10.88 -0.90 -26.81
N ASP B 285 9.59 -0.64 -27.02
CA ASP B 285 9.09 -0.18 -28.30
C ASP B 285 9.73 1.14 -28.78
N ASN B 286 9.89 2.07 -27.85
CA ASN B 286 10.54 3.34 -28.13
C ASN B 286 12.02 3.20 -28.50
N LEU B 287 12.71 2.22 -27.92
CA LEU B 287 14.09 1.91 -28.30
C LEU B 287 14.13 1.26 -29.69
N VAL B 288 13.18 0.38 -29.95
CA VAL B 288 13.02 -0.18 -31.30
C VAL B 288 12.84 0.94 -32.34
N LYS B 289 12.05 1.96 -31.99
CA LYS B 289 11.83 3.13 -32.85
C LYS B 289 13.11 3.89 -33.20
N VAL B 290 13.97 4.09 -32.21
CA VAL B 290 15.32 4.66 -32.40
C VAL B 290 16.15 3.87 -33.42
N LEU B 291 16.07 2.55 -33.30
CA LEU B 291 16.82 1.65 -34.15
C LEU B 291 16.35 1.74 -35.58
N SER B 292 15.02 1.72 -35.77
CA SER B 292 14.43 1.84 -37.11
C SER B 292 14.81 3.16 -37.79
N SER B 293 14.70 4.27 -37.05
CA SER B 293 14.96 5.60 -37.57
C SER B 293 16.45 5.79 -37.91
N THR B 294 17.33 5.22 -37.08
CA THR B 294 18.76 5.21 -37.38
C THR B 294 19.09 4.44 -38.67
N ILE B 295 18.59 3.22 -38.76
CA ILE B 295 18.71 2.37 -39.96
C ILE B 295 18.11 3.01 -41.22
N SER B 296 16.91 3.57 -41.07
CA SER B 296 16.24 4.21 -42.18
C SER B 296 17.05 5.44 -42.72
N SER B 297 17.66 6.19 -41.79
CA SER B 297 18.59 7.29 -42.12
CA SER B 297 18.58 7.30 -42.13
C SER B 297 19.92 6.84 -42.72
N SER B 298 20.37 5.63 -42.39
CA SER B 298 21.59 5.10 -43.01
C SER B 298 21.34 4.55 -44.40
N LEU B 299 20.09 4.16 -44.64
CA LEU B 299 19.64 3.66 -45.95
C LEU B 299 19.53 4.80 -46.96
N GLU B 300 19.08 5.98 -46.49
CA GLU B 300 18.93 7.14 -47.37
C GLU B 300 20.29 7.74 -47.76
N THR B 301 21.25 7.67 -46.85
CA THR B 301 22.63 8.10 -47.09
C THR B 301 23.30 7.21 -48.13
N ALA B 302 23.09 5.90 -48.00
CA ALA B 302 23.70 4.93 -48.88
C ALA B 302 23.12 5.03 -50.30
N LYS B 303 21.86 5.44 -50.38
CA LYS B 303 21.16 5.65 -51.67
C LYS B 303 21.71 6.82 -52.47
#